data_1JWU
#
_entry.id   1JWU
#
_cell.length_a   171.753
_cell.length_b   171.753
_cell.length_c   120.489
_cell.angle_alpha   90.00
_cell.angle_beta   90.00
_cell.angle_gamma   120.00
#
_symmetry.space_group_name_H-M   'H 3'
#
loop_
_entity.id
_entity.type
_entity.pdbx_description
1 polymer 'HLA class II histocompatibility antigen, DR alpha chain'
2 polymer 'HLA class II histocompatibility antigen, DR-1 beta chain'
3 polymer 'HA peptide'
4 polymer 'Enterotoxin type C-3'
5 water water
#
loop_
_entity_poly.entity_id
_entity_poly.type
_entity_poly.pdbx_seq_one_letter_code
_entity_poly.pdbx_strand_id
1 'polypeptide(L)'
;IKEEHVIIQAEFYLNPDQSGEFMFDFDGDEIFHVDMAKKETVWRLEEFGRFASFEAQGALANIAVDKANLEIMTKRSNYT
PITNVPPEVTVLTNSPVELREPNVLICFIDKFTPPVVNVTWLRNGKPVTTGVSETVFLPREDHLFRKFHYLPFLPSTEDV
YDCRVEHWGLDEPLLKHWEFDA
;
A
2 'polypeptide(L)'
;GDTRPRFLWQLKFECHFFNGTERVRLLERCIYNQEESVRFDSDVGEYRAVTELGRPDAEYWNSQKDLLEQRRAAVDTYCR
HNYGVGESFTVQRRVEPKVTVYPSKTQPLQHHNLLVCSVSGFYPGSIEVRWFRNGQEEKAGVVSTGLIQNGDWTFQTLVM
LETVPRSGEVYTCQVEHPSVTSPLTVEWRA
;
B
3 'polypeptide(L)' PKYVKQNTLKLAT C
4 'polypeptide(L)'
;ESQPDPMPDDLHKSSEFTGTMGNMKYLYDDHYVSATKVKSVDSFFKWDLIYNISDKKLKNYDKVKTELLNEDLAKKYKDE
VVDVYGSNYYVNCYFSSKDNVGKVTGGKTCMYGGITKHEGNHFDNGNLQNVLVRVYENKRNTISFEVQTDKKSVTAQELD
IKARNFLINKKNLYEFNSSPYETGYIKFIENNGNTFWYDMMPAPGDKFDQSKYLMMYNDNKTVDSKSVKIEVHLTTKNG
;
D
#
# COMPACT_ATOMS: atom_id res chain seq x y z
N GLU A 3 13.64 26.75 5.13
CA GLU A 3 13.17 25.62 4.27
C GLU A 3 11.77 25.89 3.74
N GLU A 4 11.42 25.27 2.61
CA GLU A 4 10.10 25.47 2.04
C GLU A 4 9.30 24.18 1.84
N HIS A 5 9.87 23.18 1.18
CA HIS A 5 9.16 21.92 0.98
C HIS A 5 10.03 20.69 1.15
N VAL A 6 9.38 19.57 1.46
CA VAL A 6 10.09 18.31 1.66
C VAL A 6 9.31 17.15 1.09
N ILE A 7 9.93 16.39 0.21
CA ILE A 7 9.25 15.21 -0.34
C ILE A 7 10.03 14.02 0.21
N ILE A 8 9.32 13.10 0.85
CA ILE A 8 9.98 11.95 1.43
C ILE A 8 9.46 10.62 0.93
N GLN A 9 10.40 9.77 0.52
CA GLN A 9 10.08 8.44 0.09
C GLN A 9 10.42 7.64 1.36
N ALA A 10 9.41 7.09 2.02
CA ALA A 10 9.64 6.36 3.24
C ALA A 10 9.16 4.94 3.11
N GLU A 11 9.99 3.98 3.52
CA GLU A 11 9.63 2.58 3.46
C GLU A 11 10.18 1.82 4.66
N PHE A 12 9.58 0.67 4.97
CA PHE A 12 10.04 -0.13 6.09
C PHE A 12 9.57 -1.55 5.97
N TYR A 13 10.26 -2.43 6.68
CA TYR A 13 9.89 -3.83 6.75
C TYR A 13 10.01 -4.17 8.22
N LEU A 14 9.07 -4.95 8.73
CA LEU A 14 9.06 -5.29 10.12
C LEU A 14 8.91 -6.77 10.40
N ASN A 15 9.86 -7.34 11.15
CA ASN A 15 9.78 -8.74 11.52
C ASN A 15 9.35 -8.76 12.99
N PRO A 16 8.64 -9.82 13.40
CA PRO A 16 8.24 -10.93 12.54
C PRO A 16 6.85 -10.75 11.92
N ASP A 17 6.27 -9.56 12.04
CA ASP A 17 4.94 -9.37 11.46
C ASP A 17 4.99 -9.41 9.93
N GLN A 18 6.21 -9.33 9.42
CA GLN A 18 6.47 -9.28 7.99
C GLN A 18 5.56 -8.24 7.33
N SER A 19 5.50 -7.08 7.96
CA SER A 19 4.75 -5.95 7.45
C SER A 19 5.73 -5.18 6.60
N GLY A 20 5.22 -4.58 5.54
CA GLY A 20 6.06 -3.80 4.65
C GLY A 20 5.25 -2.62 4.17
N GLU A 21 5.92 -1.50 3.94
CA GLU A 21 5.24 -0.30 3.48
C GLU A 21 6.18 0.54 2.64
N PHE A 22 5.59 1.22 1.66
CA PHE A 22 6.33 2.08 0.74
C PHE A 22 5.40 3.26 0.40
N MET A 23 5.86 4.47 0.70
CA MET A 23 5.04 5.64 0.44
C MET A 23 5.82 6.91 0.21
N PHE A 24 5.12 7.90 -0.34
CA PHE A 24 5.70 9.21 -0.60
C PHE A 24 4.98 10.23 0.26
N ASP A 25 5.74 11.21 0.73
CA ASP A 25 5.26 12.23 1.63
C ASP A 25 5.58 13.63 1.09
N PHE A 26 4.62 14.55 1.20
CA PHE A 26 4.84 15.93 0.77
C PHE A 26 4.45 16.84 1.94
N ASP A 27 5.46 17.48 2.53
CA ASP A 27 5.24 18.35 3.68
C ASP A 27 4.39 17.71 4.77
N GLY A 28 4.63 16.43 5.04
CA GLY A 28 3.89 15.73 6.08
C GLY A 28 2.64 15.00 5.63
N ASP A 29 2.13 15.35 4.44
CA ASP A 29 0.94 14.70 3.91
C ASP A 29 1.25 13.64 2.87
N GLU A 30 0.69 12.46 3.07
CA GLU A 30 0.90 11.34 2.16
C GLU A 30 0.43 11.64 0.74
N ILE A 31 1.27 11.36 -0.23
CA ILE A 31 0.87 11.55 -1.61
C ILE A 31 0.26 10.22 -2.04
N PHE A 32 0.92 9.12 -1.67
CA PHE A 32 0.43 7.80 -2.01
C PHE A 32 1.25 6.71 -1.37
N HIS A 33 0.71 5.49 -1.35
CA HIS A 33 1.45 4.35 -0.85
C HIS A 33 1.19 3.20 -1.80
N VAL A 34 2.01 2.16 -1.74
CA VAL A 34 1.79 1.03 -2.61
C VAL A 34 1.13 -0.13 -1.88
N ASP A 35 0.04 -0.63 -2.44
CA ASP A 35 -0.65 -1.78 -1.86
C ASP A 35 0.23 -2.97 -2.19
N MET A 36 0.91 -3.52 -1.18
CA MET A 36 1.81 -4.64 -1.37
C MET A 36 1.14 -5.90 -1.93
N ALA A 37 -0.16 -6.07 -1.67
CA ALA A 37 -0.86 -7.26 -2.14
C ALA A 37 -1.40 -7.14 -3.56
N LYS A 38 -2.14 -6.06 -3.84
CA LYS A 38 -2.69 -5.85 -5.17
C LYS A 38 -1.61 -5.29 -6.09
N LYS A 39 -0.48 -4.91 -5.51
CA LYS A 39 0.63 -4.37 -6.25
C LYS A 39 0.21 -3.17 -7.09
N GLU A 40 -0.40 -2.19 -6.44
CA GLU A 40 -0.81 -1.00 -7.15
C GLU A 40 -0.78 0.24 -6.30
N THR A 41 -0.63 1.37 -6.97
CA THR A 41 -0.55 2.66 -6.31
C THR A 41 -1.90 3.13 -5.79
N VAL A 42 -1.98 3.50 -4.52
CA VAL A 42 -3.24 4.02 -4.00
C VAL A 42 -2.95 5.45 -3.55
N TRP A 43 -3.59 6.40 -4.23
CA TRP A 43 -3.41 7.82 -3.98
C TRP A 43 -4.19 8.25 -2.75
N ARG A 44 -3.63 9.21 -2.00
CA ARG A 44 -4.30 9.69 -0.80
C ARG A 44 -5.60 10.40 -1.14
N LEU A 45 -5.59 11.11 -2.26
CA LEU A 45 -6.78 11.82 -2.74
C LEU A 45 -6.95 11.40 -4.20
N GLU A 46 -8.14 10.90 -4.53
CA GLU A 46 -8.46 10.44 -5.89
C GLU A 46 -7.86 11.31 -7.00
N GLU A 47 -7.93 12.62 -6.84
CA GLU A 47 -7.42 13.55 -7.83
C GLU A 47 -5.96 13.34 -8.25
N PHE A 48 -5.08 13.13 -7.27
CA PHE A 48 -3.68 12.94 -7.58
C PHE A 48 -3.46 11.92 -8.69
N GLY A 49 -4.23 10.82 -8.65
CA GLY A 49 -4.10 9.79 -9.65
C GLY A 49 -4.44 10.21 -11.06
N ARG A 50 -5.05 11.39 -11.20
CA ARG A 50 -5.41 11.88 -12.52
C ARG A 50 -4.33 12.79 -13.08
N PHE A 51 -3.41 13.20 -12.21
CA PHE A 51 -2.33 14.09 -12.62
C PHE A 51 -0.94 13.45 -12.61
N ALA A 52 -0.80 12.30 -11.98
CA ALA A 52 0.50 11.65 -11.89
C ALA A 52 0.38 10.14 -11.81
N SER A 53 1.50 9.46 -11.91
CA SER A 53 1.49 8.00 -11.84
C SER A 53 2.76 7.48 -11.21
N PHE A 54 2.72 6.22 -10.83
CA PHE A 54 3.86 5.55 -10.23
C PHE A 54 3.79 4.07 -10.55
N GLU A 55 4.93 3.49 -10.90
CA GLU A 55 4.94 2.07 -11.21
C GLU A 55 5.04 1.29 -9.90
N ALA A 56 3.87 1.03 -9.31
CA ALA A 56 3.78 0.31 -8.06
C ALA A 56 4.67 -0.92 -7.95
N GLN A 57 4.71 -1.71 -9.02
CA GLN A 57 5.49 -2.92 -9.03
C GLN A 57 6.93 -2.67 -8.57
N GLY A 58 7.45 -1.50 -8.93
CA GLY A 58 8.81 -1.16 -8.54
C GLY A 58 9.04 -1.09 -7.05
N ALA A 59 8.01 -0.73 -6.29
CA ALA A 59 8.16 -0.63 -4.85
C ALA A 59 8.51 -1.99 -4.25
N LEU A 60 7.89 -3.05 -4.78
CA LEU A 60 8.15 -4.38 -4.29
C LEU A 60 9.62 -4.80 -4.38
N ALA A 61 10.34 -4.31 -5.39
CA ALA A 61 11.74 -4.67 -5.52
C ALA A 61 12.49 -4.06 -4.33
N ASN A 62 12.11 -2.84 -3.97
CA ASN A 62 12.75 -2.16 -2.85
C ASN A 62 12.45 -2.89 -1.55
N ILE A 63 11.22 -3.40 -1.43
CA ILE A 63 10.79 -4.09 -0.23
C ILE A 63 11.55 -5.38 0.00
N ALA A 64 11.87 -6.07 -1.08
CA ALA A 64 12.62 -7.30 -1.01
C ALA A 64 14.00 -6.98 -0.41
N VAL A 65 14.65 -5.96 -0.97
CA VAL A 65 15.94 -5.55 -0.49
C VAL A 65 15.84 -5.09 0.97
N ASP A 66 14.77 -4.37 1.30
CA ASP A 66 14.62 -3.89 2.68
C ASP A 66 14.60 -5.06 3.66
N LYS A 67 13.81 -6.08 3.36
CA LYS A 67 13.73 -7.23 4.25
C LYS A 67 15.11 -7.87 4.46
N ALA A 68 15.81 -8.16 3.38
CA ALA A 68 17.14 -8.75 3.48
C ALA A 68 18.02 -7.83 4.34
N ASN A 69 17.95 -6.53 4.08
CA ASN A 69 18.76 -5.61 4.89
C ASN A 69 18.34 -5.68 6.34
N LEU A 70 17.05 -5.86 6.60
CA LEU A 70 16.61 -5.95 7.99
C LEU A 70 17.29 -7.14 8.66
N GLU A 71 17.26 -8.29 7.98
CA GLU A 71 17.86 -9.52 8.49
C GLU A 71 19.35 -9.29 8.79
N ILE A 72 20.03 -8.60 7.89
CA ILE A 72 21.45 -8.30 8.08
C ILE A 72 21.67 -7.44 9.32
N MET A 73 20.86 -6.40 9.48
CA MET A 73 20.98 -5.51 10.63
C MET A 73 20.56 -6.21 11.91
N THR A 74 19.54 -7.05 11.81
CA THR A 74 19.05 -7.76 12.97
C THR A 74 20.22 -8.57 13.50
N LYS A 75 20.93 -9.23 12.58
CA LYS A 75 22.07 -10.05 12.93
C LYS A 75 23.25 -9.27 13.51
N ARG A 76 23.68 -8.20 12.87
CA ARG A 76 24.82 -7.53 13.47
C ARG A 76 24.54 -6.73 14.73
N SER A 77 23.27 -6.52 15.06
CA SER A 77 22.92 -5.84 16.31
C SER A 77 22.83 -6.92 17.39
N ASN A 78 23.17 -8.16 17.04
CA ASN A 78 23.08 -9.27 17.97
C ASN A 78 21.63 -9.48 18.36
N TYR A 79 20.76 -9.31 17.37
CA TYR A 79 19.33 -9.49 17.56
C TYR A 79 18.76 -8.64 18.67
N THR A 80 19.08 -7.35 18.61
CA THR A 80 18.58 -6.38 19.58
C THR A 80 17.17 -6.01 19.10
N PRO A 81 16.14 -6.35 19.89
CA PRO A 81 14.77 -6.03 19.47
C PRO A 81 14.50 -4.54 19.66
N ILE A 82 13.44 -4.05 19.03
CA ILE A 82 13.08 -2.65 19.14
C ILE A 82 12.39 -2.39 20.48
N THR A 83 12.55 -1.20 21.00
CA THR A 83 11.90 -0.83 22.25
C THR A 83 10.53 -0.26 21.89
N ASN A 84 9.47 -0.84 22.45
CA ASN A 84 8.13 -0.35 22.18
C ASN A 84 8.00 1.05 22.74
N VAL A 85 7.32 1.92 22.00
CA VAL A 85 7.07 3.27 22.45
C VAL A 85 5.57 3.47 22.21
N PRO A 86 4.81 3.62 23.30
CA PRO A 86 3.35 3.82 23.25
C PRO A 86 2.93 5.12 22.56
N PRO A 87 1.80 5.09 21.85
CA PRO A 87 1.32 6.27 21.14
C PRO A 87 0.54 7.27 21.98
N GLU A 88 0.56 8.52 21.56
CA GLU A 88 -0.22 9.56 22.19
C GLU A 88 -1.46 9.48 21.33
N VAL A 89 -2.63 9.56 21.93
CA VAL A 89 -3.87 9.48 21.17
C VAL A 89 -4.73 10.68 21.46
N THR A 90 -5.22 11.30 20.40
CA THR A 90 -6.06 12.48 20.52
C THR A 90 -7.25 12.35 19.59
N VAL A 91 -8.41 12.80 20.05
CA VAL A 91 -9.59 12.77 19.21
C VAL A 91 -10.11 14.18 19.03
N LEU A 92 -10.26 14.59 17.78
CA LEU A 92 -10.77 15.91 17.44
C LEU A 92 -11.75 15.80 16.28
N THR A 93 -12.41 16.92 15.98
CA THR A 93 -13.36 16.98 14.88
C THR A 93 -12.71 17.63 13.67
N ASN A 94 -13.29 17.36 12.51
CA ASN A 94 -12.81 17.90 11.27
C ASN A 94 -13.10 19.41 11.21
N SER A 95 -14.16 19.82 11.91
CA SER A 95 -14.56 21.24 11.94
C SER A 95 -15.42 21.52 13.18
N PRO A 96 -15.52 22.79 13.60
CA PRO A 96 -16.32 23.13 14.78
C PRO A 96 -17.65 22.38 14.80
N VAL A 97 -17.85 21.58 15.85
CA VAL A 97 -19.03 20.74 15.97
C VAL A 97 -20.34 21.49 16.19
N GLU A 98 -21.39 21.00 15.53
CA GLU A 98 -22.72 21.58 15.63
C GLU A 98 -23.71 20.42 15.51
N LEU A 99 -24.69 20.38 16.42
CA LEU A 99 -25.69 19.32 16.45
C LEU A 99 -26.37 19.02 15.11
N ARG A 100 -26.44 17.73 14.79
CA ARG A 100 -27.05 17.21 13.56
C ARG A 100 -26.36 17.69 12.27
N GLU A 101 -25.28 18.46 12.41
CA GLU A 101 -24.53 18.93 11.25
C GLU A 101 -23.39 17.93 11.00
N PRO A 102 -23.43 17.25 9.85
CA PRO A 102 -22.39 16.26 9.50
C PRO A 102 -20.97 16.72 9.81
N ASN A 103 -20.21 15.86 10.46
CA ASN A 103 -18.82 16.16 10.81
C ASN A 103 -18.02 14.86 10.76
N VAL A 104 -16.74 14.94 11.11
CA VAL A 104 -15.88 13.76 11.10
C VAL A 104 -14.94 13.72 12.30
N LEU A 105 -14.95 12.59 13.00
CA LEU A 105 -14.07 12.41 14.15
C LEU A 105 -12.72 11.91 13.65
N ILE A 106 -11.66 12.61 14.04
CA ILE A 106 -10.31 12.23 13.65
C ILE A 106 -9.62 11.69 14.88
N CYS A 107 -9.05 10.49 14.78
CA CYS A 107 -8.32 9.92 15.89
C CYS A 107 -6.85 9.99 15.53
N PHE A 108 -6.11 10.91 16.17
CA PHE A 108 -4.67 11.06 15.92
C PHE A 108 -3.87 10.08 16.76
N ILE A 109 -3.20 9.14 16.10
CA ILE A 109 -2.36 8.16 16.79
C ILE A 109 -0.92 8.53 16.46
N ASP A 110 -0.28 9.24 17.37
CA ASP A 110 1.07 9.75 17.16
C ASP A 110 2.24 9.21 18.00
N LYS A 111 3.46 9.53 17.54
CA LYS A 111 4.73 9.18 18.18
C LYS A 111 4.87 7.78 18.74
N PHE A 112 4.70 6.77 17.90
CA PHE A 112 4.80 5.41 18.40
C PHE A 112 5.59 4.49 17.48
N THR A 113 6.04 3.38 18.03
CA THR A 113 6.76 2.37 17.25
C THR A 113 6.77 1.10 18.10
N PRO A 114 6.80 -0.08 17.46
CA PRO A 114 6.84 -0.36 16.01
C PRO A 114 5.50 -0.06 15.35
N PRO A 115 5.48 0.05 14.01
CA PRO A 115 4.26 0.34 13.24
C PRO A 115 3.24 -0.79 13.11
N VAL A 116 2.60 -1.11 14.22
CA VAL A 116 1.56 -2.13 14.31
C VAL A 116 0.63 -1.59 15.39
N VAL A 117 -0.65 -1.45 15.06
CA VAL A 117 -1.58 -0.92 16.02
C VAL A 117 -3.00 -1.40 15.71
N ASN A 118 -3.82 -1.56 16.75
CA ASN A 118 -5.20 -2.00 16.58
C ASN A 118 -6.07 -0.83 17.01
N VAL A 119 -6.85 -0.32 16.08
CA VAL A 119 -7.72 0.82 16.35
C VAL A 119 -9.18 0.44 16.13
N THR A 120 -10.05 0.93 17.02
CA THR A 120 -11.47 0.64 16.93
C THR A 120 -12.26 1.85 17.40
N TRP A 121 -13.35 2.15 16.70
CA TRP A 121 -14.21 3.27 17.09
C TRP A 121 -15.38 2.69 17.88
N LEU A 122 -15.81 3.42 18.91
CA LEU A 122 -16.93 2.97 19.73
C LEU A 122 -18.00 4.05 19.90
N ARG A 123 -19.24 3.67 19.64
CA ARG A 123 -20.37 4.57 19.80
C ARG A 123 -21.20 3.98 20.94
N ASN A 124 -21.11 4.59 22.10
CA ASN A 124 -21.84 4.12 23.28
C ASN A 124 -21.47 2.69 23.63
N GLY A 125 -20.17 2.42 23.74
CA GLY A 125 -19.70 1.09 24.09
C GLY A 125 -19.73 0.04 23.01
N LYS A 126 -20.17 0.41 21.81
CA LYS A 126 -20.21 -0.55 20.74
C LYS A 126 -19.41 -0.10 19.51
N PRO A 127 -18.78 -1.06 18.81
CA PRO A 127 -17.97 -0.83 17.62
C PRO A 127 -18.72 -0.27 16.41
N VAL A 128 -18.11 0.71 15.74
CA VAL A 128 -18.69 1.33 14.55
C VAL A 128 -17.84 0.99 13.34
N THR A 129 -18.49 0.60 12.25
CA THR A 129 -17.78 0.23 11.03
C THR A 129 -18.10 1.16 9.86
N THR A 130 -19.38 1.38 9.64
CA THR A 130 -19.84 2.20 8.54
C THR A 130 -19.20 3.58 8.44
N GLY A 131 -18.61 3.84 7.27
CA GLY A 131 -18.00 5.13 7.01
C GLY A 131 -16.55 5.35 7.42
N VAL A 132 -16.04 4.54 8.34
CA VAL A 132 -14.66 4.70 8.81
C VAL A 132 -13.58 4.43 7.78
N SER A 133 -12.49 5.19 7.87
CA SER A 133 -11.36 5.02 6.98
C SER A 133 -10.09 5.23 7.82
N GLU A 134 -8.94 4.89 7.25
CA GLU A 134 -7.68 5.03 7.96
C GLU A 134 -6.53 5.21 6.97
N THR A 135 -5.40 5.70 7.49
CA THR A 135 -4.23 5.90 6.67
C THR A 135 -3.20 4.84 7.05
N VAL A 136 -2.14 4.72 6.25
CA VAL A 136 -1.09 3.77 6.56
C VAL A 136 -0.21 4.50 7.55
N PHE A 137 0.90 3.89 7.95
CA PHE A 137 1.80 4.51 8.92
C PHE A 137 2.62 5.61 8.27
N LEU A 138 2.63 6.79 8.90
CA LEU A 138 3.38 7.93 8.36
C LEU A 138 4.65 8.16 9.16
N PRO A 139 5.74 8.56 8.49
CA PRO A 139 7.05 8.81 9.12
C PRO A 139 7.11 10.08 9.95
N ARG A 140 8.07 10.10 10.87
CA ARG A 140 8.29 11.23 11.75
C ARG A 140 9.79 11.48 11.80
N GLU A 141 10.17 12.73 12.02
CA GLU A 141 11.59 13.09 12.11
C GLU A 141 12.33 12.25 13.14
N ASP A 142 11.67 11.91 14.24
CA ASP A 142 12.30 11.10 15.29
C ASP A 142 12.24 9.61 14.95
N HIS A 143 11.76 9.28 13.77
CA HIS A 143 11.67 7.91 13.29
C HIS A 143 10.58 7.02 13.90
N LEU A 144 9.67 7.63 14.64
CA LEU A 144 8.52 6.94 15.21
C LEU A 144 7.44 7.13 14.14
N PHE A 145 6.21 6.71 14.42
CA PHE A 145 5.16 6.84 13.43
C PHE A 145 3.91 7.64 13.87
N ARG A 146 3.11 8.04 12.88
CA ARG A 146 1.83 8.76 13.12
C ARG A 146 0.81 7.98 12.30
N LYS A 147 -0.48 8.14 12.61
CA LYS A 147 -1.51 7.43 11.88
C LYS A 147 -2.86 8.10 12.14
N PHE A 148 -3.75 8.08 11.15
CA PHE A 148 -5.06 8.69 11.30
C PHE A 148 -6.19 7.73 11.01
N HIS A 149 -7.20 7.75 11.87
CA HIS A 149 -8.40 6.93 11.66
C HIS A 149 -9.54 7.92 11.60
N TYR A 150 -10.54 7.65 10.76
CA TYR A 150 -11.64 8.59 10.63
C TYR A 150 -13.01 7.97 10.79
N LEU A 151 -13.91 8.73 11.41
CA LEU A 151 -15.29 8.29 11.63
C LEU A 151 -16.29 9.40 11.35
N PRO A 152 -16.96 9.34 10.18
CA PRO A 152 -17.95 10.37 9.86
C PRO A 152 -19.12 10.17 10.83
N PHE A 153 -19.67 11.26 11.36
CA PHE A 153 -20.78 11.11 12.30
C PHE A 153 -21.77 12.28 12.34
N LEU A 154 -22.92 12.02 12.96
CA LEU A 154 -23.97 13.01 13.09
C LEU A 154 -23.98 13.41 14.57
N PRO A 155 -23.43 14.58 14.89
CA PRO A 155 -23.39 15.05 16.28
C PRO A 155 -24.74 14.99 16.99
N SER A 156 -24.69 14.65 18.28
CA SER A 156 -25.88 14.57 19.12
C SER A 156 -25.41 14.70 20.56
N THR A 157 -26.31 15.12 21.44
CA THR A 157 -25.96 15.30 22.86
C THR A 157 -25.83 13.97 23.58
N GLU A 158 -26.59 12.99 23.12
CA GLU A 158 -26.61 11.65 23.72
C GLU A 158 -25.32 10.86 23.52
N ASP A 159 -24.98 10.63 22.26
CA ASP A 159 -23.81 9.84 21.88
C ASP A 159 -22.47 10.18 22.54
N VAL A 160 -21.75 9.12 22.90
CA VAL A 160 -20.41 9.21 23.49
C VAL A 160 -19.50 8.27 22.69
N TYR A 161 -18.47 8.81 22.07
CA TYR A 161 -17.58 7.98 21.26
C TYR A 161 -16.25 7.65 21.96
N ASP A 162 -15.55 6.68 21.40
CA ASP A 162 -14.25 6.26 21.91
C ASP A 162 -13.35 5.81 20.78
N CYS A 163 -12.09 6.22 20.83
CA CYS A 163 -11.14 5.74 19.85
C CYS A 163 -10.35 4.75 20.71
N ARG A 164 -10.56 3.46 20.47
CA ARG A 164 -9.88 2.41 21.22
C ARG A 164 -8.60 1.99 20.49
N VAL A 165 -7.46 2.23 21.14
CA VAL A 165 -6.16 1.92 20.56
C VAL A 165 -5.32 0.91 21.34
N GLU A 166 -4.84 -0.10 20.64
CA GLU A 166 -4.01 -1.14 21.24
C GLU A 166 -2.62 -1.12 20.60
N HIS A 167 -1.61 -1.26 21.45
CA HIS A 167 -0.24 -1.23 20.99
C HIS A 167 0.62 -1.85 22.09
N TRP A 168 1.62 -2.62 21.69
CA TRP A 168 2.48 -3.29 22.66
C TRP A 168 3.09 -2.39 23.71
N GLY A 169 3.20 -1.09 23.42
CA GLY A 169 3.79 -0.17 24.40
C GLY A 169 2.80 0.22 25.47
N LEU A 170 1.54 -0.13 25.27
CA LEU A 170 0.49 0.17 26.22
C LEU A 170 0.22 -1.05 27.07
N ASP A 171 0.14 -0.86 28.38
CA ASP A 171 -0.11 -1.96 29.29
C ASP A 171 -1.54 -2.45 29.08
N GLU A 172 -2.39 -1.58 28.58
CA GLU A 172 -3.77 -1.91 28.31
C GLU A 172 -4.40 -1.01 27.25
N PRO A 173 -5.50 -1.48 26.64
CA PRO A 173 -6.19 -0.71 25.60
C PRO A 173 -6.45 0.72 26.07
N LEU A 174 -6.15 1.68 25.22
CA LEU A 174 -6.37 3.08 25.56
C LEU A 174 -7.65 3.58 24.90
N LEU A 175 -8.59 4.05 25.71
CA LEU A 175 -9.84 4.57 25.17
C LEU A 175 -9.90 6.08 25.28
N LYS A 176 -9.83 6.76 24.15
CA LYS A 176 -9.91 8.21 24.18
C LYS A 176 -11.36 8.57 23.95
N HIS A 177 -11.91 9.19 24.98
CA HIS A 177 -13.30 9.61 25.05
C HIS A 177 -13.55 10.89 24.27
N TRP A 178 -14.69 10.93 23.58
CA TRP A 178 -15.11 12.12 22.86
C TRP A 178 -16.64 12.19 22.87
N GLU A 179 -17.16 13.35 23.25
CA GLU A 179 -18.60 13.56 23.30
C GLU A 179 -18.89 15.04 23.06
N PHE A 180 -20.09 15.34 22.57
CA PHE A 180 -20.49 16.72 22.30
C PHE A 180 -20.46 17.59 23.56
N ASP A 181 -19.66 18.65 23.52
CA ASP A 181 -19.54 19.57 24.66
C ASP A 181 -19.59 21.03 24.20
N ALA A 182 -20.48 21.34 23.28
CA ALA A 182 -20.60 22.72 22.79
C ALA A 182 -21.98 23.32 23.03
N GLY B 1 -0.27 -15.15 23.92
CA GLY B 1 -0.37 -13.94 23.05
C GLY B 1 0.86 -13.75 22.17
N ASP B 2 1.13 -12.51 21.79
CA ASP B 2 2.29 -12.24 20.95
C ASP B 2 3.32 -11.41 21.72
N THR B 3 4.39 -12.08 22.14
CA THR B 3 5.45 -11.42 22.88
C THR B 3 6.78 -11.45 22.14
N ARG B 4 6.79 -12.03 20.95
CA ARG B 4 8.02 -12.12 20.17
C ARG B 4 8.57 -10.73 19.94
N PRO B 5 9.89 -10.57 20.02
CA PRO B 5 10.51 -9.26 19.81
C PRO B 5 10.33 -8.83 18.36
N ARG B 6 10.27 -7.53 18.11
CA ARG B 6 10.12 -7.04 16.74
C ARG B 6 11.44 -6.44 16.33
N PHE B 7 11.69 -6.45 15.02
CA PHE B 7 12.91 -5.91 14.46
C PHE B 7 12.46 -5.05 13.28
N LEU B 8 12.80 -3.77 13.33
CA LEU B 8 12.36 -2.83 12.31
C LEU B 8 13.48 -2.25 11.47
N TRP B 9 13.15 -1.93 10.22
CA TRP B 9 14.09 -1.34 9.28
C TRP B 9 13.34 -0.32 8.44
N GLN B 10 13.87 0.90 8.42
CA GLN B 10 13.27 1.98 7.64
C GLN B 10 14.31 2.57 6.72
N LEU B 11 13.83 3.07 5.59
CA LEU B 11 14.69 3.73 4.64
C LEU B 11 13.91 4.97 4.24
N LYS B 12 14.56 6.13 4.35
CA LYS B 12 13.92 7.39 4.01
C LYS B 12 14.80 8.28 3.14
N PHE B 13 14.25 8.69 2.00
CA PHE B 13 14.96 9.57 1.08
C PHE B 13 14.20 10.88 1.16
N GLU B 14 14.84 11.89 1.75
CA GLU B 14 14.19 13.18 1.92
C GLU B 14 14.75 14.25 0.97
N CYS B 15 13.87 14.80 0.15
CA CYS B 15 14.25 15.86 -0.75
C CYS B 15 13.83 17.17 -0.12
N HIS B 16 14.81 17.99 0.23
CA HIS B 16 14.55 19.29 0.85
C HIS B 16 14.71 20.40 -0.19
N PHE B 17 13.64 21.15 -0.42
CA PHE B 17 13.65 22.24 -1.39
C PHE B 17 13.65 23.63 -0.77
N PHE B 18 14.54 24.50 -1.24
CA PHE B 18 14.65 25.87 -0.75
C PHE B 18 14.51 26.84 -1.94
N ASN B 19 13.63 27.82 -1.79
CA ASN B 19 13.37 28.81 -2.84
C ASN B 19 12.95 28.08 -4.11
N GLY B 20 11.75 27.51 -4.08
CA GLY B 20 11.27 26.78 -5.22
C GLY B 20 12.15 25.56 -5.39
N THR B 21 12.84 25.48 -6.51
CA THR B 21 13.73 24.35 -6.75
C THR B 21 15.16 24.86 -6.95
N GLU B 22 15.44 26.05 -6.42
CA GLU B 22 16.76 26.65 -6.54
C GLU B 22 17.83 25.81 -5.87
N ARG B 23 17.63 25.57 -4.59
CA ARG B 23 18.59 24.77 -3.84
C ARG B 23 17.92 23.50 -3.34
N VAL B 24 18.55 22.36 -3.62
CA VAL B 24 18.01 21.08 -3.19
C VAL B 24 19.01 20.28 -2.37
N ARG B 25 18.51 19.57 -1.38
CA ARG B 25 19.37 18.74 -0.54
C ARG B 25 18.69 17.39 -0.37
N LEU B 26 19.39 16.33 -0.75
CA LEU B 26 18.87 14.98 -0.62
C LEU B 26 19.48 14.38 0.63
N LEU B 27 18.66 13.73 1.43
CA LEU B 27 19.15 13.11 2.65
C LEU B 27 18.64 11.68 2.68
N GLU B 28 19.54 10.74 2.46
CA GLU B 28 19.20 9.33 2.45
C GLU B 28 19.57 8.77 3.82
N ARG B 29 18.61 8.17 4.52
CA ARG B 29 18.89 7.63 5.84
C ARG B 29 18.31 6.25 6.11
N CYS B 30 19.12 5.45 6.80
CA CYS B 30 18.75 4.10 7.18
C CYS B 30 18.61 4.08 8.70
N ILE B 31 17.49 3.55 9.17
CA ILE B 31 17.22 3.47 10.60
C ILE B 31 16.98 2.02 10.99
N TYR B 32 17.77 1.48 11.91
CA TYR B 32 17.55 0.10 12.29
C TYR B 32 16.29 0.02 13.14
N ASN B 33 16.36 0.16 14.45
CA ASN B 33 15.08 0.09 15.16
C ASN B 33 14.54 1.51 15.29
N GLN B 34 15.11 2.29 16.18
CA GLN B 34 14.70 3.68 16.30
C GLN B 34 15.95 4.53 16.16
N GLU B 35 16.99 3.93 15.60
CA GLU B 35 18.26 4.61 15.43
C GLU B 35 18.81 4.66 14.02
N GLU B 36 19.13 5.87 13.57
CA GLU B 36 19.71 6.08 12.25
C GLU B 36 21.12 5.52 12.32
N SER B 37 21.44 4.62 11.40
CA SER B 37 22.76 4.00 11.36
C SER B 37 23.70 4.52 10.27
N VAL B 38 23.16 4.83 9.10
CA VAL B 38 23.94 5.32 7.98
C VAL B 38 23.11 6.32 7.19
N ARG B 39 23.78 7.27 6.55
CA ARG B 39 23.08 8.27 5.76
C ARG B 39 23.95 8.84 4.65
N PHE B 40 23.28 9.40 3.64
CA PHE B 40 23.95 10.05 2.54
C PHE B 40 23.33 11.43 2.46
N ASP B 41 24.16 12.44 2.72
CA ASP B 41 23.75 13.83 2.68
C ASP B 41 24.36 14.41 1.40
N SER B 42 23.52 14.80 0.45
CA SER B 42 24.02 15.35 -0.81
C SER B 42 24.98 16.53 -0.57
N ASP B 43 24.82 17.21 0.56
CA ASP B 43 25.69 18.33 0.90
C ASP B 43 27.09 17.82 1.23
N VAL B 44 27.16 16.57 1.69
CA VAL B 44 28.45 15.97 2.03
C VAL B 44 29.03 15.25 0.81
N GLY B 45 28.17 14.64 0.01
CA GLY B 45 28.64 13.97 -1.17
C GLY B 45 29.03 12.52 -1.01
N GLU B 46 28.87 11.97 0.18
CA GLU B 46 29.19 10.56 0.38
C GLU B 46 28.46 10.02 1.60
N TYR B 47 28.44 8.69 1.73
CA TYR B 47 27.80 8.07 2.87
C TYR B 47 28.67 8.25 4.11
N ARG B 48 28.01 8.50 5.23
CA ARG B 48 28.67 8.66 6.52
C ARG B 48 27.90 7.81 7.51
N ALA B 49 28.60 7.04 8.33
CA ALA B 49 27.95 6.20 9.31
C ALA B 49 27.45 7.08 10.45
N VAL B 50 26.28 6.79 10.99
CA VAL B 50 25.76 7.60 12.08
C VAL B 50 26.06 6.90 13.41
N THR B 51 26.21 5.58 13.34
CA THR B 51 26.55 4.79 14.52
C THR B 51 27.47 3.68 14.01
N GLU B 52 28.21 3.06 14.92
CA GLU B 52 29.13 2.00 14.53
C GLU B 52 28.43 0.92 13.71
N LEU B 53 27.17 0.64 14.02
CA LEU B 53 26.43 -0.37 13.27
C LEU B 53 26.44 -0.07 11.79
N GLY B 54 26.58 1.21 11.44
CA GLY B 54 26.56 1.61 10.04
C GLY B 54 27.88 1.71 9.30
N ARG B 55 29.00 1.58 10.01
CA ARG B 55 30.31 1.69 9.37
C ARG B 55 30.51 0.81 8.15
N PRO B 56 30.19 -0.49 8.28
CA PRO B 56 30.37 -1.39 7.14
C PRO B 56 29.73 -0.87 5.84
N ASP B 57 28.53 -0.31 5.96
CA ASP B 57 27.81 0.20 4.81
C ASP B 57 28.41 1.45 4.20
N ALA B 58 28.69 2.43 5.04
CA ALA B 58 29.29 3.65 4.54
C ALA B 58 30.58 3.30 3.79
N GLU B 59 31.41 2.45 4.38
CA GLU B 59 32.66 2.07 3.76
C GLU B 59 32.45 1.31 2.44
N TYR B 60 31.59 0.31 2.46
CA TYR B 60 31.31 -0.47 1.26
C TYR B 60 30.68 0.37 0.16
N TRP B 61 29.63 1.12 0.50
CA TRP B 61 28.97 1.93 -0.53
C TRP B 61 29.86 3.00 -1.14
N ASN B 62 30.68 3.66 -0.33
CA ASN B 62 31.55 4.69 -0.87
C ASN B 62 32.62 4.12 -1.81
N SER B 63 32.88 2.82 -1.70
CA SER B 63 33.88 2.19 -2.54
C SER B 63 33.34 1.95 -3.94
N GLN B 64 32.08 2.30 -4.15
CA GLN B 64 31.46 2.11 -5.45
C GLN B 64 31.14 3.45 -6.08
N LYS B 65 32.04 3.93 -6.93
CA LYS B 65 31.85 5.22 -7.57
C LYS B 65 30.59 5.32 -8.42
N ASP B 66 30.22 4.22 -9.05
CA ASP B 66 29.00 4.22 -9.86
C ASP B 66 27.82 4.59 -8.96
N LEU B 67 27.76 3.95 -7.80
CA LEU B 67 26.72 4.21 -6.83
C LEU B 67 26.76 5.66 -6.34
N LEU B 68 27.96 6.17 -6.09
CA LEU B 68 28.12 7.55 -5.63
C LEU B 68 27.62 8.53 -6.69
N GLU B 69 27.97 8.30 -7.94
CA GLU B 69 27.53 9.19 -9.01
C GLU B 69 26.00 9.30 -9.05
N GLN B 70 25.32 8.16 -9.09
CA GLN B 70 23.86 8.13 -9.15
C GLN B 70 23.31 8.95 -7.98
N ARG B 71 23.80 8.67 -6.78
CA ARG B 71 23.34 9.39 -5.59
C ARG B 71 23.57 10.90 -5.68
N ARG B 72 24.74 11.30 -6.15
CA ARG B 72 25.03 12.73 -6.24
C ARG B 72 24.13 13.43 -7.24
N ALA B 73 23.84 12.77 -8.35
CA ALA B 73 22.97 13.35 -9.36
C ALA B 73 21.48 13.19 -9.03
N ALA B 74 21.18 12.53 -7.92
CA ALA B 74 19.78 12.29 -7.55
C ALA B 74 19.06 13.58 -7.20
N VAL B 75 19.79 14.59 -6.76
CA VAL B 75 19.14 15.86 -6.44
C VAL B 75 18.42 16.36 -7.69
N ASP B 76 18.88 15.93 -8.87
CA ASP B 76 18.24 16.33 -10.13
C ASP B 76 17.25 15.28 -10.64
N THR B 77 17.77 14.11 -10.98
CA THR B 77 16.95 13.02 -11.51
C THR B 77 15.87 12.50 -10.57
N TYR B 78 16.03 12.73 -9.27
CA TYR B 78 15.08 12.26 -8.28
C TYR B 78 14.27 13.40 -7.64
N CYS B 79 14.97 14.23 -6.86
CA CYS B 79 14.36 15.36 -6.17
C CYS B 79 13.68 16.39 -7.08
N ARG B 80 14.46 17.09 -7.89
CA ARG B 80 13.90 18.10 -8.78
C ARG B 80 12.84 17.49 -9.70
N HIS B 81 13.07 16.26 -10.15
CA HIS B 81 12.10 15.62 -11.03
C HIS B 81 10.74 15.37 -10.36
N ASN B 82 10.78 14.80 -9.16
CA ASN B 82 9.54 14.51 -8.46
C ASN B 82 8.81 15.77 -8.01
N TYR B 83 9.57 16.83 -7.79
CA TYR B 83 8.99 18.10 -7.39
C TYR B 83 8.10 18.58 -8.53
N GLY B 84 8.62 18.51 -9.75
CA GLY B 84 7.87 18.95 -10.92
C GLY B 84 6.65 18.08 -11.20
N VAL B 85 6.83 16.77 -11.03
CA VAL B 85 5.75 15.82 -11.28
C VAL B 85 4.46 16.20 -10.56
N GLY B 86 4.55 16.54 -9.28
CA GLY B 86 3.35 16.88 -8.54
C GLY B 86 3.20 18.31 -8.07
N GLU B 87 3.94 19.23 -8.68
CA GLU B 87 3.88 20.63 -8.29
C GLU B 87 2.48 21.27 -8.38
N SER B 88 1.75 20.96 -9.43
CA SER B 88 0.42 21.54 -9.62
C SER B 88 -0.59 21.19 -8.53
N PHE B 89 -0.55 19.97 -8.02
CA PHE B 89 -1.48 19.56 -6.97
C PHE B 89 -0.90 19.45 -5.57
N THR B 90 0.31 19.98 -5.37
CA THR B 90 0.94 19.95 -4.06
C THR B 90 1.42 21.34 -3.70
N VAL B 91 2.55 21.73 -4.26
CA VAL B 91 3.10 23.05 -4.02
C VAL B 91 2.06 24.14 -4.28
N GLN B 92 1.29 23.98 -5.35
CA GLN B 92 0.29 24.96 -5.73
C GLN B 92 -1.12 24.66 -5.23
N ARG B 93 -1.26 23.67 -4.36
CA ARG B 93 -2.58 23.34 -3.85
C ARG B 93 -3.03 24.42 -2.88
N ARG B 94 -4.26 24.88 -3.06
CA ARG B 94 -4.78 25.91 -2.19
C ARG B 94 -6.25 25.72 -1.90
N VAL B 95 -6.56 25.60 -0.61
CA VAL B 95 -7.92 25.45 -0.15
C VAL B 95 -8.14 26.51 0.92
N GLU B 96 -9.11 27.36 0.68
CA GLU B 96 -9.42 28.47 1.58
C GLU B 96 -9.88 28.00 2.95
N PRO B 97 -9.42 28.68 4.01
CA PRO B 97 -9.83 28.30 5.36
C PRO B 97 -11.24 28.75 5.67
N LYS B 98 -11.93 27.97 6.49
CA LYS B 98 -13.27 28.33 6.92
C LYS B 98 -13.01 29.04 8.25
N VAL B 99 -13.48 30.28 8.38
CA VAL B 99 -13.25 31.04 9.61
C VAL B 99 -14.52 31.46 10.34
N THR B 100 -14.52 31.25 11.65
CA THR B 100 -15.66 31.62 12.49
C THR B 100 -15.19 32.10 13.85
N VAL B 101 -15.95 33.01 14.45
CA VAL B 101 -15.61 33.54 15.76
C VAL B 101 -16.77 33.38 16.74
N TYR B 102 -16.48 32.81 17.91
CA TYR B 102 -17.47 32.60 18.94
C TYR B 102 -16.80 32.51 20.30
N PRO B 103 -17.53 32.81 21.38
CA PRO B 103 -16.95 32.73 22.72
C PRO B 103 -16.79 31.29 23.14
N SER B 104 -15.70 30.96 23.84
CA SER B 104 -15.46 29.58 24.26
C SER B 104 -16.45 29.10 25.29
N LYS B 105 -16.60 27.78 25.37
CA LYS B 105 -17.48 27.14 26.33
C LYS B 105 -16.67 26.91 27.60
N THR B 106 -16.11 27.98 28.14
CA THR B 106 -15.33 27.91 29.36
C THR B 106 -15.28 29.28 30.07
N GLN B 107 -14.20 30.02 29.88
CA GLN B 107 -14.00 31.34 30.49
C GLN B 107 -13.39 31.26 31.89
N HIS B 111 -16.35 40.06 34.72
CA HIS B 111 -15.15 39.15 34.65
C HIS B 111 -14.45 39.29 33.29
N HIS B 112 -14.06 38.17 32.70
CA HIS B 112 -13.39 38.18 31.40
C HIS B 112 -14.14 37.31 30.41
N ASN B 113 -14.02 37.62 29.13
CA ASN B 113 -14.67 36.82 28.08
C ASN B 113 -13.63 36.27 27.12
N LEU B 114 -13.58 34.94 27.02
CA LEU B 114 -12.62 34.27 26.15
C LEU B 114 -13.19 34.08 24.76
N LEU B 115 -12.58 34.73 23.78
CA LEU B 115 -13.04 34.61 22.41
C LEU B 115 -12.23 33.54 21.66
N VAL B 116 -12.88 32.87 20.72
CA VAL B 116 -12.24 31.81 19.95
C VAL B 116 -12.33 32.07 18.44
N CYS B 117 -11.20 31.99 17.75
CA CYS B 117 -11.20 32.17 16.31
C CYS B 117 -10.85 30.81 15.72
N SER B 118 -11.86 30.10 15.23
CA SER B 118 -11.65 28.78 14.65
C SER B 118 -11.33 28.92 13.16
N VAL B 119 -10.23 28.30 12.75
CA VAL B 119 -9.78 28.35 11.37
C VAL B 119 -9.56 26.90 10.92
N SER B 120 -10.46 26.38 10.07
CA SER B 120 -10.33 24.98 9.66
C SER B 120 -10.39 24.65 8.17
N GLY B 121 -10.12 23.39 7.87
CA GLY B 121 -10.13 22.89 6.50
C GLY B 121 -9.24 23.57 5.48
N PHE B 122 -8.16 24.22 5.90
CA PHE B 122 -7.29 24.91 4.96
C PHE B 122 -6.01 24.19 4.53
N TYR B 123 -5.46 24.62 3.40
CA TYR B 123 -4.22 24.10 2.84
C TYR B 123 -3.65 25.17 1.94
N PRO B 124 -2.33 25.40 1.98
CA PRO B 124 -1.26 24.78 2.79
C PRO B 124 -1.39 25.07 4.28
N GLY B 125 -0.39 24.60 5.03
CA GLY B 125 -0.38 24.78 6.47
C GLY B 125 0.15 26.13 6.94
N SER B 126 1.00 26.77 6.15
CA SER B 126 1.52 28.08 6.58
C SER B 126 0.32 29.01 6.65
N ILE B 127 0.14 29.65 7.79
CA ILE B 127 -0.98 30.53 7.96
C ILE B 127 -0.67 31.53 9.05
N GLU B 128 -1.39 32.65 9.03
CA GLU B 128 -1.17 33.68 10.03
C GLU B 128 -2.50 34.25 10.51
N VAL B 129 -2.73 34.15 11.81
CA VAL B 129 -3.97 34.67 12.38
C VAL B 129 -3.63 35.58 13.56
N ARG B 130 -4.17 36.79 13.54
CA ARG B 130 -3.91 37.74 14.62
C ARG B 130 -5.22 38.35 15.09
N TRP B 131 -5.21 38.86 16.32
CA TRP B 131 -6.38 39.49 16.90
C TRP B 131 -6.16 41.00 16.98
N PHE B 132 -7.22 41.78 16.75
CA PHE B 132 -7.14 43.24 16.81
C PHE B 132 -8.30 43.83 17.60
N ARG B 133 -7.99 44.70 18.55
CA ARG B 133 -9.04 45.36 19.33
C ARG B 133 -9.08 46.79 18.83
N ASN B 134 -10.17 47.14 18.15
CA ASN B 134 -10.35 48.48 17.60
C ASN B 134 -9.27 48.81 16.58
N GLY B 135 -8.96 47.86 15.72
CA GLY B 135 -7.96 48.08 14.68
C GLY B 135 -6.49 48.01 15.06
N GLN B 136 -6.19 47.56 16.27
CA GLN B 136 -4.79 47.46 16.67
C GLN B 136 -4.41 46.13 17.30
N GLU B 137 -3.41 45.50 16.69
CA GLU B 137 -2.89 44.20 17.11
C GLU B 137 -2.89 43.97 18.62
N GLU B 138 -3.30 42.77 19.01
CA GLU B 138 -3.35 42.38 20.41
C GLU B 138 -2.17 41.44 20.65
N LYS B 139 -1.21 41.89 21.47
CA LYS B 139 -0.05 41.06 21.74
C LYS B 139 -0.27 40.09 22.90
N ALA B 140 -0.74 40.59 24.03
CA ALA B 140 -0.98 39.75 25.18
C ALA B 140 -2.34 39.06 25.12
N GLY B 141 -2.55 38.07 25.98
CA GLY B 141 -3.81 37.34 26.01
C GLY B 141 -3.99 36.27 24.96
N VAL B 142 -3.40 36.48 23.79
CA VAL B 142 -3.51 35.53 22.69
C VAL B 142 -2.93 34.16 23.07
N VAL B 143 -3.63 33.12 22.67
CA VAL B 143 -3.20 31.75 22.95
C VAL B 143 -3.63 30.83 21.82
N SER B 144 -2.67 30.11 21.23
CA SER B 144 -2.99 29.21 20.14
C SER B 144 -2.91 27.74 20.51
N THR B 145 -3.66 26.93 19.79
CA THR B 145 -3.71 25.49 19.99
C THR B 145 -2.61 24.90 19.12
N GLY B 146 -2.05 25.73 18.26
CA GLY B 146 -1.02 25.30 17.35
C GLY B 146 -1.61 24.81 16.04
N LEU B 147 -0.76 24.59 15.05
CA LEU B 147 -1.22 24.10 13.74
C LEU B 147 -1.50 22.60 13.83
N ILE B 148 -2.71 22.19 13.45
CA ILE B 148 -3.08 20.78 13.50
C ILE B 148 -3.22 20.21 12.09
N GLN B 149 -2.43 19.19 11.79
CA GLN B 149 -2.46 18.55 10.48
C GLN B 149 -3.41 17.36 10.57
N ASN B 150 -4.51 17.42 9.83
CA ASN B 150 -5.53 16.38 9.86
C ASN B 150 -5.24 15.07 9.14
N GLY B 151 -4.19 15.05 8.33
CA GLY B 151 -3.84 13.83 7.63
C GLY B 151 -4.51 13.68 6.28
N ASP B 152 -5.38 14.64 5.93
CA ASP B 152 -6.09 14.57 4.66
C ASP B 152 -5.84 15.81 3.81
N TRP B 153 -4.63 16.35 3.90
CA TRP B 153 -4.26 17.56 3.17
C TRP B 153 -5.09 18.71 3.65
N THR B 154 -5.35 18.70 4.95
CA THR B 154 -6.12 19.74 5.59
C THR B 154 -5.56 20.07 6.96
N PHE B 155 -5.68 21.34 7.33
CA PHE B 155 -5.22 21.82 8.62
C PHE B 155 -6.32 22.58 9.34
N GLN B 156 -6.16 22.71 10.65
CA GLN B 156 -7.10 23.45 11.47
C GLN B 156 -6.34 24.03 12.65
N THR B 157 -6.87 25.09 13.23
CA THR B 157 -6.23 25.72 14.37
C THR B 157 -7.22 26.63 15.08
N LEU B 158 -7.04 26.80 16.39
CA LEU B 158 -7.88 27.67 17.20
C LEU B 158 -6.98 28.68 17.88
N VAL B 159 -7.31 29.96 17.72
CA VAL B 159 -6.52 31.01 18.36
C VAL B 159 -7.44 31.83 19.27
N MET B 160 -7.21 31.72 20.58
CA MET B 160 -8.02 32.43 21.57
C MET B 160 -7.54 33.83 21.92
N LEU B 161 -8.43 34.61 22.52
CA LEU B 161 -8.13 35.97 22.94
C LEU B 161 -8.95 36.33 24.17
N GLU B 162 -8.32 36.29 25.33
CA GLU B 162 -9.00 36.64 26.58
C GLU B 162 -9.23 38.15 26.52
N THR B 163 -10.43 38.58 26.88
CA THR B 163 -10.72 40.01 26.83
C THR B 163 -11.65 40.47 27.95
N VAL B 164 -11.59 41.77 28.23
CA VAL B 164 -12.43 42.41 29.21
C VAL B 164 -13.23 43.34 28.31
N PRO B 165 -14.33 42.82 27.75
CA PRO B 165 -15.23 43.53 26.83
C PRO B 165 -16.00 44.72 27.36
N ARG B 166 -16.10 45.74 26.51
CA ARG B 166 -16.80 46.97 26.80
C ARG B 166 -17.74 47.24 25.63
N SER B 167 -19.00 47.55 25.93
CA SER B 167 -19.98 47.84 24.89
C SER B 167 -19.36 48.70 23.79
N GLY B 168 -19.45 48.24 22.54
CA GLY B 168 -18.91 49.02 21.44
C GLY B 168 -17.58 48.58 20.88
N GLU B 169 -16.80 47.84 21.65
CA GLU B 169 -15.50 47.38 21.17
C GLU B 169 -15.66 46.40 20.02
N VAL B 170 -14.69 46.38 19.12
CA VAL B 170 -14.72 45.48 17.97
C VAL B 170 -13.44 44.64 17.89
N TYR B 171 -13.55 43.38 18.30
CA TYR B 171 -12.42 42.44 18.28
C TYR B 171 -12.41 41.71 16.95
N THR B 172 -11.37 41.94 16.17
CA THR B 172 -11.26 41.31 14.85
C THR B 172 -10.21 40.21 14.76
N CYS B 173 -10.60 39.08 14.18
CA CYS B 173 -9.68 37.98 13.97
C CYS B 173 -9.26 38.10 12.52
N GLN B 174 -7.96 38.21 12.28
CA GLN B 174 -7.47 38.34 10.92
C GLN B 174 -6.72 37.09 10.51
N VAL B 175 -6.95 36.64 9.29
CA VAL B 175 -6.31 35.44 8.80
C VAL B 175 -5.71 35.67 7.42
N GLU B 176 -4.40 35.49 7.32
CA GLU B 176 -3.72 35.63 6.05
C GLU B 176 -3.32 34.23 5.62
N HIS B 177 -3.62 33.89 4.37
CA HIS B 177 -3.33 32.56 3.87
C HIS B 177 -3.13 32.63 2.36
N PRO B 178 -2.26 31.77 1.81
CA PRO B 178 -2.00 31.77 0.36
C PRO B 178 -3.25 31.61 -0.51
N SER B 179 -4.31 31.05 0.07
CA SER B 179 -5.55 30.83 -0.69
C SER B 179 -6.26 32.11 -1.08
N VAL B 180 -5.96 33.20 -0.36
CA VAL B 180 -6.59 34.48 -0.67
C VAL B 180 -5.55 35.59 -0.76
N THR B 181 -5.85 36.58 -1.60
CA THR B 181 -4.97 37.72 -1.80
C THR B 181 -5.04 38.68 -0.63
N SER B 182 -6.25 39.10 -0.28
CA SER B 182 -6.43 40.00 0.84
C SER B 182 -6.80 39.18 2.07
N PRO B 183 -6.45 39.68 3.26
CA PRO B 183 -6.74 38.97 4.51
C PRO B 183 -8.22 38.81 4.86
N LEU B 184 -8.56 37.64 5.38
CA LEU B 184 -9.93 37.33 5.80
C LEU B 184 -10.13 37.89 7.20
N THR B 185 -11.26 38.55 7.43
CA THR B 185 -11.54 39.13 8.74
C THR B 185 -12.93 38.76 9.26
N VAL B 186 -12.98 38.34 10.52
CA VAL B 186 -14.24 37.98 11.18
C VAL B 186 -14.28 38.79 12.47
N GLU B 187 -15.34 39.57 12.65
CA GLU B 187 -15.43 40.43 13.83
C GLU B 187 -16.38 40.03 14.95
N TRP B 188 -15.96 40.32 16.17
CA TRP B 188 -16.77 40.07 17.34
C TRP B 188 -17.13 41.45 17.87
N ARG B 189 -18.43 41.72 18.00
CA ARG B 189 -18.89 43.01 18.49
C ARG B 189 -19.26 42.93 19.96
N ALA B 190 -18.48 43.58 20.81
CA ALA B 190 -18.77 43.59 22.24
C ALA B 190 -19.98 44.48 22.47
N PRO C 1 2.79 12.88 -15.92
CA PRO C 1 4.14 12.84 -15.31
C PRO C 1 4.25 11.66 -14.35
N LYS C 2 5.40 11.01 -14.35
CA LYS C 2 5.61 9.86 -13.50
C LYS C 2 6.62 10.07 -12.36
N TYR C 3 6.21 9.70 -11.16
CA TYR C 3 7.05 9.80 -9.97
C TYR C 3 8.13 8.74 -10.10
N VAL C 4 9.36 9.09 -9.74
CA VAL C 4 10.44 8.11 -9.81
C VAL C 4 10.93 7.82 -8.40
N LYS C 5 11.34 6.57 -8.17
CA LYS C 5 11.83 6.15 -6.85
C LYS C 5 13.34 5.97 -6.79
N GLN C 6 13.88 6.09 -5.58
CA GLN C 6 15.30 5.84 -5.36
C GLN C 6 15.36 4.36 -4.98
N ASN C 7 16.30 3.61 -5.55
CA ASN C 7 16.41 2.19 -5.28
C ASN C 7 17.14 1.93 -3.96
N THR C 8 16.69 0.91 -3.24
CA THR C 8 17.27 0.53 -1.97
C THR C 8 18.55 -0.28 -2.22
N LEU C 9 19.64 0.12 -1.57
CA LEU C 9 20.90 -0.56 -1.72
C LEU C 9 21.01 -1.73 -0.74
N LYS C 10 21.71 -2.78 -1.14
CA LYS C 10 21.90 -3.94 -0.27
C LYS C 10 23.00 -3.56 0.73
N LEU C 11 22.83 -3.96 2.00
CA LEU C 11 23.82 -3.66 3.03
C LEU C 11 25.10 -4.45 2.84
N ALA C 12 26.17 -4.03 3.51
CA ALA C 12 27.45 -4.74 3.42
C ALA C 12 27.31 -6.10 4.08
N THR C 13 27.79 -7.13 3.40
CA THR C 13 27.73 -8.49 3.93
C THR C 13 29.11 -8.93 4.40
N GLU D 1 -24.01 -18.30 -4.82
CA GLU D 1 -24.35 -18.70 -6.22
C GLU D 1 -23.09 -18.77 -7.07
N SER D 2 -23.20 -19.33 -8.28
CA SER D 2 -22.06 -19.43 -9.18
C SER D 2 -21.86 -18.12 -9.93
N GLN D 3 -20.62 -17.85 -10.35
CA GLN D 3 -20.29 -16.64 -11.09
C GLN D 3 -21.01 -16.63 -12.44
N PRO D 4 -21.66 -15.51 -12.79
CA PRO D 4 -22.41 -15.35 -14.05
C PRO D 4 -21.52 -15.44 -15.29
N ASP D 5 -22.01 -16.13 -16.32
CA ASP D 5 -21.24 -16.24 -17.56
C ASP D 5 -21.05 -14.83 -18.11
N PRO D 6 -19.99 -14.63 -18.91
CA PRO D 6 -19.73 -13.30 -19.48
C PRO D 6 -20.48 -12.97 -20.76
N MET D 7 -20.73 -11.68 -20.94
CA MET D 7 -21.37 -11.18 -22.15
C MET D 7 -20.19 -10.62 -22.93
N PRO D 8 -20.31 -10.50 -24.26
CA PRO D 8 -19.21 -9.98 -25.08
C PRO D 8 -18.51 -8.75 -24.50
N ASP D 9 -19.28 -7.84 -23.92
CA ASP D 9 -18.71 -6.62 -23.34
C ASP D 9 -17.77 -6.93 -22.17
N ASP D 10 -18.05 -8.02 -21.45
CA ASP D 10 -17.24 -8.43 -20.29
C ASP D 10 -15.86 -8.99 -20.64
N LEU D 11 -15.70 -9.49 -21.86
CA LEU D 11 -14.43 -10.10 -22.27
C LEU D 11 -13.40 -9.19 -22.93
N HIS D 12 -12.14 -9.51 -22.71
CA HIS D 12 -11.03 -8.78 -23.32
C HIS D 12 -10.99 -9.15 -24.80
N LYS D 13 -10.62 -8.19 -25.64
CA LYS D 13 -10.55 -8.44 -27.08
C LYS D 13 -9.11 -8.39 -27.56
N SER D 14 -8.63 -9.49 -28.13
CA SER D 14 -7.24 -9.51 -28.59
C SER D 14 -6.97 -8.39 -29.57
N SER D 15 -8.02 -7.90 -30.22
CA SER D 15 -7.87 -6.82 -31.18
C SER D 15 -7.60 -5.49 -30.47
N GLU D 16 -7.84 -5.43 -29.17
CA GLU D 16 -7.59 -4.22 -28.42
C GLU D 16 -6.26 -4.31 -27.67
N PHE D 17 -5.55 -5.42 -27.87
CA PHE D 17 -4.26 -5.63 -27.25
C PHE D 17 -3.17 -5.44 -28.30
N THR D 18 -2.33 -4.42 -28.13
CA THR D 18 -1.27 -4.10 -29.08
C THR D 18 0.07 -4.77 -28.75
N GLY D 19 0.20 -5.26 -27.53
CA GLY D 19 1.44 -5.90 -27.11
C GLY D 19 1.76 -7.19 -27.86
N THR D 20 2.70 -7.94 -27.30
CA THR D 20 3.14 -9.19 -27.88
C THR D 20 2.42 -10.36 -27.22
N MET D 21 1.49 -10.97 -27.95
CA MET D 21 0.72 -12.10 -27.45
C MET D 21 1.65 -13.23 -26.99
N GLY D 22 2.87 -13.23 -27.52
CA GLY D 22 3.85 -14.24 -27.16
C GLY D 22 4.13 -14.23 -25.66
N ASN D 23 3.93 -13.08 -25.03
CA ASN D 23 4.15 -12.93 -23.61
C ASN D 23 3.05 -13.66 -22.84
N MET D 24 1.92 -13.91 -23.51
CA MET D 24 0.81 -14.64 -22.89
C MET D 24 1.09 -16.11 -23.18
N LYS D 25 1.43 -16.40 -24.44
CA LYS D 25 1.75 -17.76 -24.88
C LYS D 25 2.79 -18.35 -23.93
N TYR D 26 3.79 -17.52 -23.63
CA TYR D 26 4.88 -17.90 -22.75
C TYR D 26 4.40 -18.57 -21.45
N LEU D 27 3.33 -18.04 -20.86
CA LEU D 27 2.80 -18.58 -19.60
C LEU D 27 2.13 -19.95 -19.67
N TYR D 28 1.72 -20.37 -20.87
CA TYR D 28 1.04 -21.64 -21.00
C TYR D 28 1.68 -22.67 -21.96
N ASP D 29 2.71 -22.25 -22.67
CA ASP D 29 3.39 -23.15 -23.61
C ASP D 29 4.50 -23.94 -22.90
N ASP D 30 4.20 -25.20 -22.56
CA ASP D 30 5.14 -26.09 -21.87
C ASP D 30 5.88 -25.27 -20.81
N HIS D 31 5.11 -24.60 -19.98
CA HIS D 31 5.62 -23.71 -18.95
C HIS D 31 4.86 -23.91 -17.64
N TYR D 32 5.55 -24.38 -16.61
CA TYR D 32 4.92 -24.59 -15.31
C TYR D 32 5.90 -25.09 -14.26
N VAL D 33 5.54 -24.85 -12.99
CA VAL D 33 6.32 -25.29 -11.85
C VAL D 33 5.54 -26.48 -11.29
N SER D 34 6.24 -27.55 -10.96
CA SER D 34 5.59 -28.74 -10.41
C SER D 34 6.46 -29.41 -9.35
N ALA D 35 5.89 -29.62 -8.17
CA ALA D 35 6.62 -30.25 -7.09
C ALA D 35 5.69 -31.20 -6.34
N THR D 36 6.27 -32.25 -5.78
CA THR D 36 5.52 -33.25 -5.03
C THR D 36 6.15 -33.53 -3.67
N LYS D 37 5.31 -33.58 -2.65
CA LYS D 37 5.76 -33.82 -1.27
C LYS D 37 6.80 -32.79 -0.82
N VAL D 38 6.37 -31.55 -0.68
CA VAL D 38 7.26 -30.48 -0.24
C VAL D 38 6.54 -29.64 0.80
N LYS D 39 7.32 -28.86 1.56
CA LYS D 39 6.75 -28.00 2.57
C LYS D 39 7.41 -26.64 2.47
N SER D 40 6.64 -25.58 2.71
CA SER D 40 7.20 -24.24 2.64
C SER D 40 8.36 -24.12 3.64
N VAL D 41 9.39 -23.39 3.24
CA VAL D 41 10.56 -23.20 4.08
C VAL D 41 10.71 -21.73 4.45
N ASP D 42 9.79 -20.90 3.96
CA ASP D 42 9.86 -19.48 4.23
C ASP D 42 8.62 -18.79 3.70
N SER D 43 8.56 -17.48 3.92
CA SER D 43 7.44 -16.66 3.50
C SER D 43 7.95 -15.24 3.45
N PHE D 44 7.47 -14.45 2.50
CA PHE D 44 7.90 -13.06 2.35
C PHE D 44 6.87 -12.17 3.02
N PHE D 45 5.65 -12.18 2.50
CA PHE D 45 4.56 -11.43 3.10
C PHE D 45 3.65 -12.50 3.68
N LYS D 46 2.77 -12.09 4.60
CA LYS D 46 1.84 -12.99 5.28
C LYS D 46 1.01 -13.88 4.36
N TRP D 47 0.71 -13.39 3.17
CA TRP D 47 -0.14 -14.15 2.25
C TRP D 47 0.59 -15.05 1.26
N ASP D 48 1.89 -15.26 1.43
CA ASP D 48 2.63 -16.12 0.50
C ASP D 48 3.48 -17.15 1.20
N LEU D 49 3.92 -18.14 0.44
CA LEU D 49 4.76 -19.20 0.94
C LEU D 49 5.86 -19.43 -0.09
N ILE D 50 7.06 -19.72 0.40
CA ILE D 50 8.22 -19.95 -0.44
C ILE D 50 8.67 -21.41 -0.31
N TYR D 51 9.01 -22.02 -1.45
CA TYR D 51 9.43 -23.41 -1.47
C TYR D 51 10.76 -23.64 -2.16
N ASN D 52 11.40 -24.74 -1.80
CA ASN D 52 12.65 -25.12 -2.43
C ASN D 52 12.26 -26.12 -3.52
N ILE D 53 12.14 -25.61 -4.74
CA ILE D 53 11.79 -26.42 -5.89
C ILE D 53 12.78 -26.00 -6.98
N SER D 54 13.47 -26.96 -7.58
CA SER D 54 14.46 -26.64 -8.60
C SER D 54 13.94 -26.80 -10.02
N ASP D 55 14.51 -25.99 -10.91
CA ASP D 55 14.15 -26.02 -12.32
C ASP D 55 14.80 -27.27 -12.93
N LYS D 56 14.08 -28.39 -12.83
CA LYS D 56 14.56 -29.66 -13.37
C LYS D 56 15.02 -29.40 -14.79
N LYS D 57 14.21 -28.65 -15.53
CA LYS D 57 14.46 -28.30 -16.91
C LYS D 57 15.79 -27.61 -17.19
N LEU D 58 15.80 -26.28 -17.20
CA LEU D 58 16.99 -25.49 -17.50
C LEU D 58 17.76 -24.87 -16.32
N LYS D 59 17.50 -25.33 -15.10
CA LYS D 59 18.20 -24.78 -13.93
C LYS D 59 18.06 -23.25 -13.77
N ASN D 60 16.86 -22.72 -13.95
CA ASN D 60 16.66 -21.28 -13.83
C ASN D 60 16.16 -20.79 -12.49
N TYR D 61 16.05 -21.68 -11.50
CA TYR D 61 15.58 -21.29 -10.17
C TYR D 61 15.52 -22.49 -9.24
N ASP D 62 15.63 -22.22 -7.95
CA ASP D 62 15.54 -23.28 -6.94
C ASP D 62 14.69 -22.79 -5.76
N LYS D 63 14.17 -21.57 -5.89
CA LYS D 63 13.29 -20.95 -4.88
C LYS D 63 12.03 -20.49 -5.62
N VAL D 64 10.87 -20.88 -5.12
CA VAL D 64 9.61 -20.49 -5.75
C VAL D 64 8.70 -19.82 -4.73
N LYS D 65 8.21 -18.63 -5.05
CA LYS D 65 7.29 -17.97 -4.14
C LYS D 65 5.91 -17.97 -4.77
N THR D 66 4.91 -18.46 -4.04
CA THR D 66 3.55 -18.45 -4.57
C THR D 66 2.73 -17.57 -3.66
N GLU D 67 1.95 -16.66 -4.25
CA GLU D 67 1.12 -15.77 -3.48
C GLU D 67 -0.33 -16.23 -3.45
N LEU D 68 -0.96 -16.06 -2.29
CA LEU D 68 -2.35 -16.46 -2.08
C LEU D 68 -3.23 -15.24 -1.84
N LEU D 69 -4.54 -15.44 -1.86
CA LEU D 69 -5.52 -14.36 -1.68
C LEU D 69 -5.53 -13.67 -0.32
N ASN D 70 -5.26 -14.40 0.74
CA ASN D 70 -5.26 -13.83 2.08
C ASN D 70 -4.32 -14.60 3.02
N GLU D 71 -4.23 -14.12 4.27
CA GLU D 71 -3.37 -14.72 5.27
C GLU D 71 -3.81 -16.13 5.71
N ASP D 72 -5.10 -16.30 5.97
CA ASP D 72 -5.60 -17.60 6.40
C ASP D 72 -5.16 -18.69 5.44
N LEU D 73 -5.30 -18.40 4.15
CA LEU D 73 -4.95 -19.35 3.11
C LEU D 73 -3.50 -19.80 3.23
N ALA D 74 -2.60 -18.87 3.54
CA ALA D 74 -1.18 -19.16 3.68
C ALA D 74 -0.91 -19.96 4.96
N LYS D 75 -1.60 -19.59 6.03
CA LYS D 75 -1.45 -20.28 7.32
C LYS D 75 -1.86 -21.74 7.15
N LYS D 76 -2.96 -21.94 6.43
CA LYS D 76 -3.46 -23.29 6.21
C LYS D 76 -2.41 -24.24 5.67
N TYR D 77 -1.68 -23.82 4.64
CA TYR D 77 -0.69 -24.67 4.01
C TYR D 77 0.75 -24.50 4.49
N LYS D 78 1.03 -23.42 5.22
CA LYS D 78 2.39 -23.17 5.68
C LYS D 78 3.15 -24.38 6.19
N ASP D 79 2.51 -25.17 7.06
CA ASP D 79 3.21 -26.31 7.60
C ASP D 79 2.77 -27.66 7.06
N GLU D 80 1.93 -27.67 6.04
CA GLU D 80 1.47 -28.92 5.47
C GLU D 80 2.36 -29.46 4.35
N VAL D 81 2.36 -30.78 4.21
CA VAL D 81 3.11 -31.43 3.13
C VAL D 81 2.19 -31.24 1.95
N VAL D 82 2.69 -30.67 0.87
CA VAL D 82 1.82 -30.41 -0.27
C VAL D 82 2.43 -30.69 -1.63
N ASP D 83 1.65 -30.38 -2.67
CA ASP D 83 2.06 -30.52 -4.05
C ASP D 83 1.87 -29.15 -4.67
N VAL D 84 2.63 -28.84 -5.71
CA VAL D 84 2.53 -27.55 -6.35
C VAL D 84 2.49 -27.67 -7.86
N TYR D 85 1.59 -26.91 -8.46
CA TYR D 85 1.48 -26.86 -9.91
C TYR D 85 0.92 -25.49 -10.23
N GLY D 86 1.58 -24.77 -11.12
CA GLY D 86 1.12 -23.44 -11.47
C GLY D 86 2.00 -22.81 -12.52
N SER D 87 1.55 -21.69 -13.06
CA SER D 87 2.29 -20.97 -14.08
C SER D 87 3.12 -19.85 -13.44
N ASN D 88 4.43 -19.94 -13.56
CA ASN D 88 5.32 -18.95 -12.96
C ASN D 88 5.68 -17.77 -13.85
N TYR D 89 6.26 -16.73 -13.26
CA TYR D 89 6.69 -15.54 -13.99
C TYR D 89 7.99 -15.02 -13.36
N TYR D 90 8.72 -14.18 -14.08
CA TYR D 90 9.99 -13.62 -13.59
C TYR D 90 9.97 -12.11 -13.60
N VAL D 91 9.28 -11.54 -14.57
CA VAL D 91 9.19 -10.10 -14.66
C VAL D 91 8.44 -9.62 -13.42
N ASN D 92 9.09 -8.80 -12.62
CA ASN D 92 8.51 -8.27 -11.40
C ASN D 92 8.32 -9.34 -10.32
N CYS D 93 9.19 -10.34 -10.31
CA CYS D 93 9.15 -11.39 -9.30
C CYS D 93 10.13 -10.95 -8.22
N TYR D 94 9.63 -10.65 -7.02
CA TYR D 94 10.49 -10.21 -5.93
C TYR D 94 10.23 -10.88 -4.59
N PHE D 95 11.32 -11.10 -3.86
CA PHE D 95 11.28 -11.66 -2.52
C PHE D 95 12.69 -11.94 -2.05
N SER D 96 12.88 -11.76 -0.75
CA SER D 96 14.17 -11.90 -0.08
C SER D 96 14.61 -13.32 0.26
N SER D 97 13.78 -14.05 0.99
CA SER D 97 14.09 -15.43 1.40
C SER D 97 15.23 -15.59 2.41
N LYS D 98 14.84 -16.11 3.59
CA LYS D 98 15.68 -16.37 4.77
C LYS D 98 15.19 -15.51 5.93
N GLY D 106 21.15 -19.47 -6.17
CA GLY D 106 20.20 -20.02 -7.18
C GLY D 106 19.10 -19.04 -7.55
N GLY D 107 18.51 -19.24 -8.72
CA GLY D 107 17.44 -18.38 -9.20
C GLY D 107 16.14 -18.42 -8.41
N LYS D 108 15.28 -17.46 -8.66
CA LYS D 108 13.99 -17.37 -7.97
C LYS D 108 12.88 -17.17 -8.99
N THR D 109 11.70 -17.68 -8.70
CA THR D 109 10.58 -17.50 -9.60
C THR D 109 9.30 -17.35 -8.77
N CYS D 110 8.28 -16.71 -9.36
CA CYS D 110 7.03 -16.44 -8.66
C CYS D 110 5.77 -17.03 -9.30
N MET D 111 4.71 -17.10 -8.50
CA MET D 111 3.42 -17.62 -8.96
C MET D 111 2.30 -17.34 -7.96
N TYR D 112 1.12 -17.89 -8.23
CA TYR D 112 -0.03 -17.73 -7.35
C TYR D 112 -0.73 -19.07 -7.16
N GLY D 113 -1.41 -19.21 -6.03
CA GLY D 113 -2.12 -20.44 -5.72
C GLY D 113 -1.29 -21.67 -6.05
N GLY D 114 -1.94 -22.66 -6.66
CA GLY D 114 -1.24 -23.87 -7.06
C GLY D 114 -0.91 -24.89 -5.97
N ILE D 115 -1.42 -24.66 -4.76
CA ILE D 115 -1.15 -25.56 -3.65
C ILE D 115 -2.28 -26.54 -3.32
N THR D 116 -1.92 -27.80 -3.08
CA THR D 116 -2.89 -28.83 -2.71
C THR D 116 -2.24 -29.79 -1.72
N LYS D 117 -2.99 -30.18 -0.70
CA LYS D 117 -2.49 -31.11 0.33
C LYS D 117 -2.10 -32.41 -0.39
N HIS D 118 -0.94 -32.96 -0.02
CA HIS D 118 -0.45 -34.17 -0.65
C HIS D 118 -1.02 -35.47 -0.07
N GLU D 119 -1.33 -35.46 1.22
CA GLU D 119 -1.84 -36.65 1.89
C GLU D 119 -3.19 -37.13 1.36
N GLY D 120 -3.21 -38.37 0.89
CA GLY D 120 -4.44 -38.96 0.38
C GLY D 120 -5.11 -38.23 -0.76
N ASN D 121 -4.33 -37.51 -1.56
CA ASN D 121 -4.89 -36.78 -2.67
C ASN D 121 -4.42 -37.37 -4.00
N HIS D 122 -3.71 -38.50 -3.93
CA HIS D 122 -3.20 -39.15 -5.13
C HIS D 122 -3.87 -40.49 -5.40
N PHE D 123 -3.53 -41.09 -6.54
CA PHE D 123 -4.08 -42.37 -6.93
C PHE D 123 -3.04 -43.47 -6.77
N ASP D 124 -3.44 -44.52 -6.06
CA ASP D 124 -2.58 -45.66 -5.75
C ASP D 124 -2.14 -46.53 -6.93
N ASN D 125 -1.38 -45.96 -7.86
CA ASN D 125 -0.91 -46.72 -9.01
C ASN D 125 -0.25 -45.86 -10.08
N GLY D 126 0.02 -44.60 -9.77
CA GLY D 126 0.61 -43.75 -10.78
C GLY D 126 -0.46 -43.55 -11.82
N ASN D 127 -1.70 -43.79 -11.40
CA ASN D 127 -2.87 -43.66 -12.26
C ASN D 127 -3.31 -42.21 -12.30
N LEU D 128 -3.51 -41.69 -13.51
CA LEU D 128 -3.93 -40.31 -13.66
C LEU D 128 -5.43 -40.27 -13.88
N GLN D 129 -6.01 -39.09 -13.74
CA GLN D 129 -7.45 -38.89 -13.92
C GLN D 129 -7.66 -38.02 -15.15
N ASN D 130 -8.64 -38.38 -15.97
CA ASN D 130 -8.95 -37.60 -17.16
C ASN D 130 -10.05 -36.61 -16.88
N VAL D 131 -9.88 -35.39 -17.38
CA VAL D 131 -10.87 -34.35 -17.20
C VAL D 131 -11.27 -33.86 -18.57
N LEU D 132 -12.58 -33.85 -18.83
CA LEU D 132 -13.10 -33.44 -20.11
C LEU D 132 -12.98 -31.96 -20.42
N VAL D 133 -12.52 -31.66 -21.63
CA VAL D 133 -12.41 -30.29 -22.08
C VAL D 133 -13.15 -30.18 -23.41
N ARG D 134 -14.20 -29.38 -23.47
CA ARG D 134 -14.92 -29.20 -24.72
C ARG D 134 -14.69 -27.79 -25.24
N VAL D 135 -14.15 -27.69 -26.46
CA VAL D 135 -13.86 -26.38 -27.03
C VAL D 135 -14.98 -25.90 -27.96
N TYR D 136 -15.37 -24.65 -27.78
CA TYR D 136 -16.41 -24.05 -28.60
C TYR D 136 -15.85 -22.83 -29.33
N GLU D 137 -16.11 -22.77 -30.63
CA GLU D 137 -15.65 -21.65 -31.45
C GLU D 137 -16.92 -21.06 -32.05
N ASN D 138 -17.23 -19.83 -31.65
CA ASN D 138 -18.42 -19.14 -32.12
C ASN D 138 -19.67 -19.92 -31.72
N LYS D 139 -19.64 -20.42 -30.48
CA LYS D 139 -20.74 -21.15 -29.88
C LYS D 139 -20.94 -22.61 -30.30
N ARG D 140 -20.08 -23.12 -31.17
CA ARG D 140 -20.20 -24.51 -31.60
C ARG D 140 -19.01 -25.36 -31.16
N ASN D 141 -19.31 -26.52 -30.59
CA ASN D 141 -18.27 -27.45 -30.14
C ASN D 141 -17.46 -27.87 -31.37
N THR D 142 -16.18 -27.52 -31.41
CA THR D 142 -15.32 -27.87 -32.55
C THR D 142 -14.45 -29.09 -32.27
N ILE D 143 -13.84 -29.15 -31.10
CA ILE D 143 -13.04 -30.31 -30.74
C ILE D 143 -13.17 -30.53 -29.24
N SER D 144 -13.06 -31.80 -28.83
CA SER D 144 -13.15 -32.14 -27.43
C SER D 144 -11.97 -33.04 -27.09
N PHE D 145 -11.54 -33.02 -25.84
CA PHE D 145 -10.43 -33.83 -25.40
C PHE D 145 -10.35 -33.89 -23.89
N GLU D 146 -9.24 -34.43 -23.38
CA GLU D 146 -9.05 -34.54 -21.95
C GLU D 146 -7.63 -34.19 -21.53
N VAL D 147 -7.49 -33.55 -20.38
CA VAL D 147 -6.19 -33.24 -19.85
C VAL D 147 -6.07 -34.22 -18.68
N GLN D 148 -4.87 -34.41 -18.15
CA GLN D 148 -4.72 -35.35 -17.04
C GLN D 148 -4.08 -34.74 -15.81
N THR D 149 -4.48 -35.22 -14.65
CA THR D 149 -3.91 -34.77 -13.40
C THR D 149 -3.71 -35.98 -12.50
N ASP D 150 -2.76 -35.86 -11.57
CA ASP D 150 -2.45 -36.94 -10.65
C ASP D 150 -3.07 -36.66 -9.29
N LYS D 151 -3.98 -35.69 -9.25
CA LYS D 151 -4.61 -35.33 -8.00
C LYS D 151 -6.12 -35.51 -8.03
N LYS D 152 -6.70 -35.89 -6.89
CA LYS D 152 -8.14 -36.08 -6.79
C LYS D 152 -8.80 -34.72 -6.70
N SER D 153 -8.20 -33.86 -5.89
CA SER D 153 -8.67 -32.48 -5.71
C SER D 153 -7.53 -31.67 -6.35
N VAL D 154 -7.78 -31.11 -7.54
CA VAL D 154 -6.77 -30.36 -8.28
C VAL D 154 -7.13 -28.89 -8.46
N THR D 155 -6.12 -28.03 -8.47
CA THR D 155 -6.36 -26.59 -8.63
C THR D 155 -6.93 -26.36 -10.02
N ALA D 156 -7.82 -25.40 -10.15
CA ALA D 156 -8.37 -25.10 -11.46
C ALA D 156 -7.19 -24.66 -12.33
N GLN D 157 -6.23 -24.00 -11.70
CA GLN D 157 -5.05 -23.50 -12.41
C GLN D 157 -4.32 -24.58 -13.18
N GLU D 158 -4.00 -25.69 -12.51
CA GLU D 158 -3.31 -26.79 -13.17
C GLU D 158 -4.09 -27.26 -14.40
N LEU D 159 -5.40 -27.43 -14.26
CA LEU D 159 -6.23 -27.89 -15.36
C LEU D 159 -6.24 -26.86 -16.50
N ASP D 160 -6.37 -25.59 -16.13
CA ASP D 160 -6.41 -24.52 -17.12
C ASP D 160 -5.13 -24.55 -17.95
N ILE D 161 -4.01 -24.51 -17.25
CA ILE D 161 -2.71 -24.53 -17.88
C ILE D 161 -2.59 -25.68 -18.88
N LYS D 162 -2.99 -26.87 -18.47
CA LYS D 162 -2.90 -28.04 -19.35
C LYS D 162 -3.80 -27.87 -20.58
N ALA D 163 -4.99 -27.30 -20.37
CA ALA D 163 -5.90 -27.07 -21.47
C ALA D 163 -5.27 -26.12 -22.49
N ARG D 164 -4.78 -24.98 -22.03
CA ARG D 164 -4.19 -24.00 -22.93
C ARG D 164 -2.92 -24.51 -23.60
N ASN D 165 -2.15 -25.30 -22.87
CA ASN D 165 -0.94 -25.82 -23.45
C ASN D 165 -1.35 -26.62 -24.68
N PHE D 166 -2.35 -27.48 -24.51
CA PHE D 166 -2.85 -28.30 -25.62
C PHE D 166 -3.40 -27.45 -26.76
N LEU D 167 -4.23 -26.47 -26.42
CA LEU D 167 -4.83 -25.61 -27.44
C LEU D 167 -3.85 -24.72 -28.18
N ILE D 168 -2.67 -24.51 -27.58
CA ILE D 168 -1.67 -23.67 -28.21
C ILE D 168 -1.03 -24.41 -29.37
N ASN D 169 -0.72 -25.69 -29.14
CA ASN D 169 -0.09 -26.52 -30.16
C ASN D 169 -1.08 -27.05 -31.18
N LYS D 170 -2.28 -27.36 -30.74
CA LYS D 170 -3.26 -27.91 -31.65
C LYS D 170 -4.21 -26.88 -32.29
N LYS D 171 -4.26 -25.66 -31.75
CA LYS D 171 -5.15 -24.64 -32.31
C LYS D 171 -4.58 -23.22 -32.35
N ASN D 172 -3.28 -23.08 -32.09
CA ASN D 172 -2.63 -21.77 -32.10
C ASN D 172 -3.41 -20.78 -31.23
N LEU D 173 -3.80 -21.22 -30.04
CA LEU D 173 -4.55 -20.37 -29.13
C LEU D 173 -3.83 -19.02 -29.03
N TYR D 174 -2.51 -19.07 -28.87
CA TYR D 174 -1.71 -17.85 -28.80
C TYR D 174 -0.52 -17.99 -29.73
N GLU D 175 -0.20 -16.94 -30.48
CA GLU D 175 0.95 -16.95 -31.38
C GLU D 175 1.86 -15.81 -30.94
N PHE D 176 3.06 -15.72 -31.50
CA PHE D 176 4.01 -14.67 -31.12
C PHE D 176 3.36 -13.31 -30.99
N ASN D 177 2.88 -12.76 -32.10
CA ASN D 177 2.22 -11.49 -32.00
C ASN D 177 0.79 -11.63 -32.49
N SER D 178 -0.09 -11.83 -31.51
CA SER D 178 -1.54 -11.99 -31.66
C SER D 178 -2.08 -13.42 -31.65
N SER D 179 -3.41 -13.50 -31.76
CA SER D 179 -4.12 -14.76 -31.73
C SER D 179 -5.23 -14.83 -32.77
N PRO D 180 -5.54 -16.05 -33.25
CA PRO D 180 -6.58 -16.28 -34.25
C PRO D 180 -7.93 -15.89 -33.68
N TYR D 181 -8.04 -15.93 -32.35
CA TYR D 181 -9.29 -15.60 -31.68
C TYR D 181 -9.38 -14.20 -31.12
N GLU D 182 -10.59 -13.67 -31.10
CA GLU D 182 -10.86 -12.33 -30.58
C GLU D 182 -11.10 -12.38 -29.08
N THR D 183 -11.90 -13.35 -28.63
CA THR D 183 -12.18 -13.48 -27.21
C THR D 183 -12.14 -14.95 -26.82
N GLY D 184 -12.03 -15.21 -25.53
CA GLY D 184 -11.99 -16.58 -25.07
C GLY D 184 -11.99 -16.66 -23.57
N TYR D 185 -12.73 -17.62 -23.04
CA TYR D 185 -12.78 -17.82 -21.61
C TYR D 185 -12.93 -19.30 -21.33
N ILE D 186 -12.25 -19.76 -20.29
CA ILE D 186 -12.34 -21.15 -19.91
C ILE D 186 -13.30 -21.19 -18.74
N LYS D 187 -14.30 -22.07 -18.83
CA LYS D 187 -15.32 -22.18 -17.79
C LYS D 187 -15.25 -23.53 -17.10
N PHE D 188 -15.35 -23.51 -15.78
CA PHE D 188 -15.31 -24.74 -15.01
C PHE D 188 -16.70 -25.04 -14.46
N ILE D 189 -17.11 -26.29 -14.56
CA ILE D 189 -18.41 -26.69 -14.08
C ILE D 189 -18.23 -27.81 -13.07
N GLU D 190 -18.59 -27.54 -11.82
CA GLU D 190 -18.46 -28.51 -10.73
C GLU D 190 -19.71 -29.39 -10.61
N ASN D 191 -19.57 -30.55 -9.97
CA ASN D 191 -20.71 -31.48 -9.88
C ASN D 191 -21.87 -31.01 -9.02
N ASN D 192 -21.69 -29.89 -8.31
CA ASN D 192 -22.78 -29.37 -7.50
C ASN D 192 -23.46 -28.23 -8.23
N GLY D 193 -23.08 -28.03 -9.49
CA GLY D 193 -23.68 -26.96 -10.27
C GLY D 193 -22.92 -25.64 -10.26
N ASN D 194 -21.93 -25.50 -9.39
CA ASN D 194 -21.17 -24.26 -9.33
C ASN D 194 -20.26 -24.10 -10.55
N THR D 195 -20.27 -22.91 -11.14
CA THR D 195 -19.42 -22.63 -12.30
C THR D 195 -18.66 -21.32 -12.09
N PHE D 196 -17.52 -21.20 -12.77
CA PHE D 196 -16.70 -20.00 -12.70
C PHE D 196 -15.81 -20.01 -13.95
N TRP D 197 -15.30 -18.85 -14.34
CA TRP D 197 -14.47 -18.75 -15.54
C TRP D 197 -13.37 -17.71 -15.47
N TYR D 198 -12.42 -17.83 -16.39
CA TYR D 198 -11.30 -16.93 -16.47
C TYR D 198 -11.23 -16.41 -17.89
N ASP D 199 -10.93 -15.12 -18.04
CA ASP D 199 -10.78 -14.50 -19.35
C ASP D 199 -9.43 -15.01 -19.84
N MET D 200 -9.39 -15.55 -21.05
CA MET D 200 -8.15 -16.08 -21.61
C MET D 200 -7.35 -15.06 -22.41
N MET D 201 -7.86 -13.84 -22.52
CA MET D 201 -7.17 -12.79 -23.28
C MET D 201 -6.60 -11.68 -22.40
N PRO D 202 -5.48 -11.08 -22.83
CA PRO D 202 -4.85 -10.00 -22.05
C PRO D 202 -5.67 -8.72 -22.05
N ALA D 203 -5.59 -7.96 -20.96
CA ALA D 203 -6.30 -6.69 -20.88
C ALA D 203 -5.82 -5.82 -22.04
N PRO D 204 -6.65 -4.85 -22.46
CA PRO D 204 -6.27 -3.97 -23.57
C PRO D 204 -5.05 -3.10 -23.30
N GLY D 205 -4.41 -2.63 -24.37
CA GLY D 205 -3.24 -1.80 -24.24
C GLY D 205 -2.05 -2.38 -24.98
N ASP D 206 -0.88 -1.76 -24.83
CA ASP D 206 0.33 -2.21 -25.50
C ASP D 206 1.24 -3.04 -24.62
N LYS D 207 0.84 -3.30 -23.37
CA LYS D 207 1.66 -4.09 -22.48
C LYS D 207 0.83 -5.16 -21.79
N PHE D 208 1.50 -6.28 -21.47
CA PHE D 208 0.83 -7.38 -20.78
C PHE D 208 1.56 -7.63 -19.48
N ASP D 209 0.85 -7.38 -18.38
CA ASP D 209 1.40 -7.56 -17.04
C ASP D 209 1.15 -9.02 -16.67
N GLN D 210 2.16 -9.87 -16.87
CA GLN D 210 2.02 -11.30 -16.57
C GLN D 210 1.64 -11.54 -15.12
N SER D 211 2.31 -10.84 -14.21
CA SER D 211 2.03 -11.01 -12.79
C SER D 211 0.60 -10.65 -12.43
N LYS D 212 0.14 -9.50 -12.92
CA LYS D 212 -1.22 -9.05 -12.62
C LYS D 212 -2.25 -10.04 -13.18
N TYR D 213 -1.93 -10.63 -14.31
CA TYR D 213 -2.85 -11.59 -14.93
C TYR D 213 -2.91 -12.88 -14.10
N LEU D 214 -1.75 -13.44 -13.75
CA LEU D 214 -1.72 -14.67 -12.99
C LEU D 214 -2.33 -14.54 -11.60
N MET D 215 -2.40 -13.33 -11.09
CA MET D 215 -2.97 -13.10 -9.77
C MET D 215 -4.36 -13.73 -9.61
N MET D 216 -5.11 -13.88 -10.71
CA MET D 216 -6.44 -14.48 -10.65
C MET D 216 -6.44 -15.88 -10.04
N TYR D 217 -5.31 -16.59 -10.15
CA TYR D 217 -5.17 -17.93 -9.59
C TYR D 217 -4.97 -17.86 -8.08
N ASN D 218 -5.07 -16.64 -7.57
CA ASN D 218 -4.93 -16.28 -6.16
C ASN D 218 -5.68 -17.16 -5.17
N ASP D 219 -6.98 -17.30 -5.42
CA ASP D 219 -7.86 -18.06 -4.56
C ASP D 219 -7.47 -19.51 -4.35
N ASN D 220 -6.56 -20.03 -5.16
CA ASN D 220 -6.13 -21.41 -4.99
C ASN D 220 -7.35 -22.32 -5.10
N LYS D 221 -8.26 -21.97 -6.00
CA LYS D 221 -9.49 -22.72 -6.22
C LYS D 221 -9.21 -24.16 -6.63
N THR D 222 -9.74 -25.11 -5.85
CA THR D 222 -9.59 -26.52 -6.18
C THR D 222 -10.95 -27.09 -6.59
N VAL D 223 -10.92 -28.12 -7.42
CA VAL D 223 -12.12 -28.81 -7.87
C VAL D 223 -11.84 -30.30 -7.89
N ASP D 224 -12.91 -31.08 -7.95
CA ASP D 224 -12.81 -32.54 -7.97
C ASP D 224 -12.52 -33.03 -9.39
N SER D 225 -11.33 -33.58 -9.59
CA SER D 225 -10.91 -34.05 -10.90
C SER D 225 -11.76 -35.14 -11.57
N LYS D 226 -12.39 -36.00 -10.77
CA LYS D 226 -13.20 -37.07 -11.37
C LYS D 226 -14.59 -36.63 -11.81
N SER D 227 -15.01 -35.43 -11.42
CA SER D 227 -16.34 -34.95 -11.78
C SER D 227 -16.42 -33.56 -12.44
N VAL D 228 -15.36 -32.76 -12.30
CA VAL D 228 -15.36 -31.43 -12.90
C VAL D 228 -15.39 -31.51 -14.43
N LYS D 229 -16.03 -30.52 -15.04
CA LYS D 229 -16.12 -30.46 -16.50
C LYS D 229 -15.60 -29.09 -16.94
N ILE D 230 -14.83 -29.07 -18.03
CA ILE D 230 -14.26 -27.83 -18.54
C ILE D 230 -14.78 -27.45 -19.92
N GLU D 231 -15.03 -26.17 -20.11
CA GLU D 231 -15.50 -25.67 -21.38
C GLU D 231 -14.68 -24.45 -21.80
N VAL D 232 -14.05 -24.52 -22.97
CA VAL D 232 -13.30 -23.39 -23.47
C VAL D 232 -14.17 -22.74 -24.56
N HIS D 233 -14.57 -21.48 -24.35
CA HIS D 233 -15.40 -20.75 -25.31
C HIS D 233 -14.62 -19.67 -26.05
N LEU D 234 -14.34 -19.90 -27.34
CA LEU D 234 -13.59 -18.96 -28.15
C LEU D 234 -14.46 -18.31 -29.22
N THR D 235 -14.00 -17.18 -29.77
CA THR D 235 -14.72 -16.49 -30.84
C THR D 235 -13.70 -15.86 -31.78
N THR D 236 -13.98 -15.92 -33.08
CA THR D 236 -13.11 -15.29 -34.08
C THR D 236 -13.74 -13.91 -34.30
N LYS D 237 -12.90 -12.89 -34.50
CA LYS D 237 -13.39 -11.52 -34.66
C LYS D 237 -14.62 -11.33 -35.55
N ASN D 238 -14.60 -11.89 -36.76
CA ASN D 238 -15.72 -11.77 -37.68
C ASN D 238 -16.68 -12.96 -37.69
N GLY D 239 -16.21 -14.13 -37.28
CA GLY D 239 -17.09 -15.28 -37.27
C GLY D 239 -16.62 -16.39 -38.19
#